data_5CWP
#
_entry.id   5CWP
#
_cell.length_a   94.260
_cell.length_b   94.260
_cell.length_c   77.630
_cell.angle_alpha   90.000
_cell.angle_beta   90.000
_cell.angle_gamma   90.000
#
_symmetry.space_group_name_H-M   'P 43 21 2'
#
loop_
_entity.id
_entity.type
_entity.pdbx_description
1 polymer 'Designed helical repeat protein'
2 water water
#
_entity_poly.entity_id   1
_entity_poly.type   'polypeptide(L)'
_entity_poly.pdbx_seq_one_letter_code
;MSSDEEEARELIERAKEAAERAQEAAERTGDPRVRELARELKRLAQEAAEEVKRDPSSSDVNEALKLIVEAIEAAVRALE
AAERTGDPEVRELARELVRLAVEAAEEVQRNPSSSDVNEALKLIVEAIEAAVRALEAAERTGDPEVRELARELVRLAVEA
AEEVQRNPSSEEVNEALKKIVKAIQEAVESLREAEESGDPEKREKARERVREAVERAEEVQRDPSGWLEHHHHHH
;
_entity_poly.pdbx_strand_id   A
#
# COMPACT_ATOMS: atom_id res chain seq x y z
N MET A 1 -33.48 11.71 7.99
CA MET A 1 -32.60 10.56 7.66
C MET A 1 -31.87 10.07 8.91
N SER A 2 -31.87 8.76 9.12
CA SER A 2 -31.25 8.16 10.30
C SER A 2 -29.72 8.09 10.18
N SER A 3 -29.06 7.72 11.26
CA SER A 3 -27.60 7.65 11.29
C SER A 3 -27.05 6.61 10.31
N ASP A 4 -27.65 5.41 10.32
CA ASP A 4 -27.26 4.36 9.39
C ASP A 4 -27.43 4.82 7.95
N GLU A 5 -28.57 5.46 7.68
CA GLU A 5 -28.86 5.96 6.34
C GLU A 5 -27.83 6.99 5.91
N GLU A 6 -27.50 7.91 6.81
CA GLU A 6 -26.56 8.99 6.50
C GLU A 6 -25.18 8.42 6.22
N GLU A 7 -24.78 7.45 7.05
CA GLU A 7 -23.47 6.82 6.91
C GLU A 7 -23.37 6.09 5.58
N ALA A 8 -24.46 5.42 5.19
CA ALA A 8 -24.52 4.70 3.93
C ALA A 8 -24.37 5.64 2.74
N ARG A 9 -25.15 6.71 2.76
CA ARG A 9 -25.12 7.68 1.66
C ARG A 9 -23.71 8.24 1.52
N GLU A 10 -23.09 8.56 2.64
CA GLU A 10 -21.74 9.12 2.64
C GLU A 10 -20.71 8.14 2.11
N LEU A 11 -20.85 6.86 2.48
CA LEU A 11 -19.87 5.86 2.04
C LEU A 11 -20.04 5.54 0.57
N ILE A 12 -21.29 5.50 0.10
CA ILE A 12 -21.53 5.21 -1.29
C ILE A 12 -20.95 6.33 -2.15
N GLU A 13 -21.10 7.58 -1.71
CA GLU A 13 -20.51 8.70 -2.43
C GLU A 13 -18.98 8.64 -2.40
N ARG A 14 -18.41 8.32 -1.26
CA ARG A 14 -16.95 8.19 -1.16
C ARG A 14 -16.44 7.08 -2.08
N ALA A 15 -17.20 6.00 -2.21
CA ALA A 15 -16.85 4.89 -3.12
C ALA A 15 -16.87 5.34 -4.58
N LYS A 16 -17.90 6.10 -4.94
CA LYS A 16 -18.03 6.62 -6.30
C LYS A 16 -16.85 7.50 -6.69
N GLU A 17 -16.47 8.41 -5.79
CA GLU A 17 -15.33 9.28 -6.02
C GLU A 17 -14.02 8.47 -6.16
N ALA A 18 -13.85 7.45 -5.32
CA ALA A 18 -12.66 6.61 -5.39
C ALA A 18 -12.54 5.89 -6.73
N ALA A 19 -13.61 5.22 -7.14
CA ALA A 19 -13.61 4.47 -8.38
C ALA A 19 -13.37 5.38 -9.59
N GLU A 20 -13.90 6.60 -9.52
CA GLU A 20 -13.70 7.60 -10.55
C GLU A 20 -12.23 8.04 -10.65
N ARG A 21 -11.59 8.24 -9.49
CA ARG A 21 -10.17 8.58 -9.49
C ARG A 21 -9.37 7.43 -10.08
N ALA A 22 -9.79 6.21 -9.77
CA ALA A 22 -9.08 5.01 -10.23
C ALA A 22 -9.17 4.88 -11.74
N GLN A 23 -10.36 5.17 -12.27
CA GLN A 23 -10.61 5.21 -13.71
C GLN A 23 -9.64 6.18 -14.41
N GLU A 24 -9.68 7.44 -13.99
CA GLU A 24 -8.79 8.47 -14.51
C GLU A 24 -7.31 8.10 -14.47
N ALA A 25 -6.85 7.58 -13.33
CA ALA A 25 -5.43 7.31 -13.13
C ALA A 25 -4.94 6.23 -14.08
N ALA A 26 -5.73 5.16 -14.17
CA ALA A 26 -5.35 4.01 -14.98
C ALA A 26 -5.27 4.35 -16.46
N GLU A 27 -6.18 5.20 -16.94
CA GLU A 27 -6.21 5.51 -18.36
C GLU A 27 -5.01 6.39 -18.73
N ARG A 28 -4.44 7.08 -17.75
CA ARG A 28 -3.27 7.91 -18.00
C ARG A 28 -1.97 7.10 -18.11
N THR A 29 -1.97 5.85 -17.62
CA THR A 29 -0.75 5.04 -17.66
C THR A 29 -0.47 4.49 -19.05
N GLY A 30 -1.52 4.28 -19.85
CA GLY A 30 -1.35 3.67 -21.16
C GLY A 30 -0.95 2.21 -21.09
N ASP A 31 -0.87 1.65 -19.88
CA ASP A 31 -0.64 0.23 -19.69
C ASP A 31 -1.99 -0.48 -19.63
N PRO A 32 -2.27 -1.37 -20.61
CA PRO A 32 -3.58 -2.04 -20.58
C PRO A 32 -3.81 -2.82 -19.29
N ARG A 33 -2.71 -3.24 -18.65
CA ARG A 33 -2.83 -4.03 -17.42
C ARG A 33 -3.35 -3.17 -16.27
N VAL A 34 -2.85 -1.96 -16.16
CA VAL A 34 -3.32 -1.03 -15.13
C VAL A 34 -4.78 -0.62 -15.36
N ARG A 35 -5.18 -0.44 -16.62
CA ARG A 35 -6.57 -0.15 -16.94
C ARG A 35 -7.48 -1.27 -16.46
N GLU A 36 -7.06 -2.52 -16.69
CA GLU A 36 -7.81 -3.66 -16.20
C GLU A 36 -7.89 -3.68 -14.67
N LEU A 37 -6.78 -3.40 -13.99
CA LEU A 37 -6.81 -3.36 -12.52
C LEU A 37 -7.75 -2.26 -12.00
N ALA A 38 -7.75 -1.10 -12.64
CA ALA A 38 -8.64 -0.02 -12.21
C ALA A 38 -10.11 -0.36 -12.50
N ARG A 39 -10.36 -1.01 -13.63
CA ARG A 39 -11.70 -1.52 -13.91
C ARG A 39 -12.15 -2.46 -12.81
N GLU A 40 -11.20 -3.26 -12.30
CA GLU A 40 -11.49 -4.17 -11.21
C GLU A 40 -11.74 -3.43 -9.91
N LEU A 41 -10.99 -2.37 -9.66
CA LEU A 41 -11.22 -1.54 -8.47
C LEU A 41 -12.62 -0.95 -8.50
N LYS A 42 -13.03 -0.46 -9.67
CA LYS A 42 -14.37 0.09 -9.86
C LYS A 42 -15.45 -0.97 -9.64
N ARG A 43 -15.27 -2.15 -10.23
CA ARG A 43 -16.23 -3.23 -10.08
C ARG A 43 -16.43 -3.59 -8.60
N LEU A 44 -15.34 -3.66 -7.84
CA LEU A 44 -15.43 -4.02 -6.43
C LEU A 44 -16.12 -2.94 -5.60
N ALA A 45 -15.91 -1.67 -5.94
CA ALA A 45 -16.54 -0.58 -5.23
C ALA A 45 -18.06 -0.61 -5.44
N GLN A 46 -18.46 -0.88 -6.69
CA GLN A 46 -19.87 -0.93 -7.04
C GLN A 46 -20.55 -2.14 -6.40
N GLU A 47 -19.88 -3.28 -6.41
CA GLU A 47 -20.41 -4.49 -5.79
C GLU A 47 -20.60 -4.29 -4.30
N ALA A 48 -19.62 -3.66 -3.66
CA ALA A 48 -19.68 -3.42 -2.21
C ALA A 48 -20.68 -2.32 -1.87
N ALA A 49 -20.74 -1.30 -2.72
CA ALA A 49 -21.70 -0.20 -2.53
C ALA A 49 -23.14 -0.66 -2.76
N GLU A 50 -23.31 -1.62 -3.68
CA GLU A 50 -24.63 -2.11 -4.02
C GLU A 50 -25.25 -2.82 -2.82
N GLU A 51 -24.40 -3.48 -2.04
CA GLU A 51 -24.84 -4.18 -0.84
C GLU A 51 -25.32 -3.18 0.20
N VAL A 52 -24.58 -2.08 0.36
CA VAL A 52 -24.95 -1.02 1.30
C VAL A 52 -26.21 -0.29 0.82
N LYS A 53 -26.34 -0.12 -0.49
CA LYS A 53 -27.52 0.53 -1.06
C LYS A 53 -28.79 -0.29 -0.82
N ARG A 54 -28.64 -1.62 -0.82
CA ARG A 54 -29.77 -2.51 -0.56
C ARG A 54 -30.18 -2.46 0.90
N ASP A 55 -29.20 -2.55 1.80
CA ASP A 55 -29.46 -2.62 3.23
C ASP A 55 -28.30 -2.08 4.04
N PRO A 56 -28.41 -0.82 4.52
CA PRO A 56 -27.33 -0.17 5.26
C PRO A 56 -27.32 -0.43 6.76
N SER A 57 -28.01 -1.48 7.21
CA SER A 57 -28.14 -1.77 8.63
C SER A 57 -27.11 -2.79 9.13
N SER A 58 -26.32 -3.35 8.21
CA SER A 58 -25.31 -4.34 8.59
C SER A 58 -23.95 -3.70 8.83
N SER A 59 -23.45 -3.88 10.05
CA SER A 59 -22.16 -3.34 10.44
C SER A 59 -21.04 -3.91 9.57
N ASP A 60 -21.12 -5.21 9.29
CA ASP A 60 -20.08 -5.88 8.51
C ASP A 60 -20.05 -5.39 7.06
N VAL A 61 -21.22 -5.25 6.45
CA VAL A 61 -21.30 -4.81 5.06
C VAL A 61 -20.78 -3.37 4.92
N ASN A 62 -21.14 -2.51 5.87
N ASN A 62 -21.19 -2.52 5.86
CA ASN A 62 -20.66 -1.13 5.84
CA ASN A 62 -20.68 -1.16 5.95
C ASN A 62 -19.16 -1.03 6.16
C ASN A 62 -19.16 -1.16 6.05
N GLU A 63 -18.66 -1.93 7.00
CA GLU A 63 -17.22 -2.00 7.26
C GLU A 63 -16.45 -2.53 6.05
N ALA A 64 -17.03 -3.50 5.35
CA ALA A 64 -16.39 -4.02 4.14
C ALA A 64 -16.26 -2.92 3.08
N LEU A 65 -17.34 -2.18 2.84
CA LEU A 65 -17.29 -1.10 1.87
C LEU A 65 -16.23 -0.08 2.27
N LYS A 66 -16.22 0.31 3.55
CA LYS A 66 -15.29 1.33 3.99
C LYS A 66 -13.84 0.89 3.74
N LEU A 67 -13.53 -0.37 4.03
CA LEU A 67 -12.16 -0.85 3.87
C LEU A 67 -11.78 -0.95 2.40
N ILE A 68 -12.72 -1.42 1.58
CA ILE A 68 -12.50 -1.50 0.14
C ILE A 68 -12.26 -0.10 -0.43
N VAL A 69 -12.99 0.90 0.04
CA VAL A 69 -12.78 2.27 -0.44
C VAL A 69 -11.39 2.77 -0.05
N GLU A 70 -10.96 2.44 1.17
CA GLU A 70 -9.62 2.82 1.61
C GLU A 70 -8.55 2.12 0.76
N ALA A 71 -8.81 0.88 0.36
CA ALA A 71 -7.89 0.15 -0.49
C ALA A 71 -7.79 0.78 -1.87
N ILE A 72 -8.92 1.24 -2.42
CA ILE A 72 -8.92 1.88 -3.71
C ILE A 72 -8.16 3.19 -3.64
N GLU A 73 -8.41 3.98 -2.60
CA GLU A 73 -7.72 5.26 -2.43
C GLU A 73 -6.20 5.05 -2.35
N ALA A 74 -5.76 4.05 -1.61
CA ALA A 74 -4.33 3.73 -1.53
C ALA A 74 -3.78 3.30 -2.90
N ALA A 75 -4.55 2.48 -3.62
CA ALA A 75 -4.13 2.03 -4.94
C ALA A 75 -4.00 3.22 -5.87
N VAL A 76 -4.91 4.16 -5.76
CA VAL A 76 -4.88 5.36 -6.59
C VAL A 76 -3.62 6.16 -6.30
N ARG A 77 -3.28 6.28 -5.02
N ARG A 77 -3.28 6.31 -5.03
CA ARG A 77 -2.11 7.04 -4.62
CA ARG A 77 -2.09 7.05 -4.65
C ARG A 77 -0.82 6.39 -5.12
C ARG A 77 -0.83 6.39 -5.18
N ALA A 78 -0.80 5.06 -5.17
CA ALA A 78 0.34 4.31 -5.70
C ALA A 78 0.52 4.59 -7.19
N LEU A 79 -0.57 4.54 -7.94
CA LEU A 79 -0.50 4.80 -9.38
C LEU A 79 -0.08 6.24 -9.65
N GLU A 80 -0.61 7.20 -8.91
CA GLU A 80 -0.24 8.59 -9.13
C GLU A 80 1.23 8.82 -8.78
N ALA A 81 1.72 8.19 -7.72
CA ALA A 81 3.11 8.39 -7.33
C ALA A 81 4.02 7.83 -8.40
N ALA A 82 3.66 6.68 -8.93
CA ALA A 82 4.47 6.03 -9.96
C ALA A 82 4.56 6.91 -11.20
N GLU A 83 3.43 7.52 -11.56
N GLU A 83 3.44 7.49 -11.62
CA GLU A 83 3.32 8.40 -12.74
CA GLU A 83 3.48 8.34 -12.79
C GLU A 83 4.11 9.69 -12.57
C GLU A 83 4.39 9.54 -12.53
N ARG A 84 4.33 10.11 -11.34
CA ARG A 84 5.19 11.27 -11.05
C ARG A 84 6.68 10.95 -11.22
N THR A 85 7.07 9.70 -10.97
CA THR A 85 8.49 9.32 -11.05
C THR A 85 8.99 9.15 -12.47
N GLY A 86 8.11 8.76 -13.37
CA GLY A 86 8.51 8.47 -14.74
C GLY A 86 9.47 7.29 -14.84
N ASP A 87 9.61 6.53 -13.75
CA ASP A 87 10.58 5.43 -13.70
C ASP A 87 9.89 4.10 -13.96
N PRO A 88 10.36 3.32 -14.95
CA PRO A 88 9.62 2.08 -15.29
C PRO A 88 9.60 1.03 -14.18
N GLU A 89 10.68 0.89 -13.42
CA GLU A 89 10.68 -0.06 -12.31
C GLU A 89 9.70 0.35 -11.24
N VAL A 90 9.54 1.65 -11.02
CA VAL A 90 8.60 2.12 -9.99
C VAL A 90 7.17 1.91 -10.48
N ARG A 91 6.93 2.12 -11.76
CA ARG A 91 5.60 1.85 -12.33
C ARG A 91 5.24 0.39 -12.15
N GLU A 92 6.21 -0.51 -12.28
CA GLU A 92 5.95 -1.93 -12.12
C GLU A 92 5.67 -2.25 -10.65
N LEU A 93 6.39 -1.63 -9.72
CA LEU A 93 6.10 -1.85 -8.30
C LEU A 93 4.70 -1.38 -7.97
N ALA A 94 4.27 -0.27 -8.56
CA ALA A 94 2.94 0.25 -8.31
C ALA A 94 1.88 -0.71 -8.84
N ARG A 95 2.13 -1.29 -10.01
CA ARG A 95 1.20 -2.27 -10.56
C ARG A 95 1.06 -3.45 -9.59
N GLU A 96 2.18 -3.92 -9.07
CA GLU A 96 2.18 -5.04 -8.14
C GLU A 96 1.39 -4.70 -6.87
N LEU A 97 1.54 -3.46 -6.39
CA LEU A 97 0.84 -3.04 -5.18
C LEU A 97 -0.68 -2.95 -5.42
N VAL A 98 -1.05 -2.46 -6.59
CA VAL A 98 -2.46 -2.34 -6.93
C VAL A 98 -3.07 -3.72 -7.08
N ARG A 99 -2.33 -4.66 -7.67
N ARG A 99 -2.31 -4.64 -7.65
CA ARG A 99 -2.86 -6.01 -7.84
CA ARG A 99 -2.75 -6.01 -7.86
C ARG A 99 -3.15 -6.61 -6.47
C ARG A 99 -3.07 -6.68 -6.52
N LEU A 100 -2.28 -6.36 -5.51
CA LEU A 100 -2.48 -6.90 -4.16
C LEU A 100 -3.72 -6.29 -3.50
N ALA A 101 -3.93 -4.99 -3.72
CA ALA A 101 -5.12 -4.33 -3.20
C ALA A 101 -6.38 -4.94 -3.79
N VAL A 102 -6.35 -5.20 -5.10
CA VAL A 102 -7.49 -5.82 -5.77
C VAL A 102 -7.77 -7.20 -5.19
N GLU A 103 -6.75 -8.03 -5.07
CA GLU A 103 -6.97 -9.39 -4.61
C GLU A 103 -7.44 -9.40 -3.15
N ALA A 104 -6.90 -8.51 -2.34
CA ALA A 104 -7.32 -8.46 -0.94
C ALA A 104 -8.75 -7.93 -0.83
N ALA A 105 -9.10 -6.94 -1.65
CA ALA A 105 -10.47 -6.43 -1.68
C ALA A 105 -11.46 -7.48 -2.16
N GLU A 106 -11.09 -8.27 -3.17
CA GLU A 106 -11.95 -9.36 -3.64
C GLU A 106 -12.29 -10.35 -2.51
N GLU A 107 -11.32 -10.62 -1.64
CA GLU A 107 -11.56 -11.52 -0.52
C GLU A 107 -12.50 -10.90 0.51
N VAL A 108 -12.37 -9.61 0.74
CA VAL A 108 -13.26 -8.91 1.67
C VAL A 108 -14.68 -8.92 1.14
N GLN A 109 -14.88 -8.58 -0.13
CA GLN A 109 -16.22 -8.51 -0.70
C GLN A 109 -16.90 -9.88 -0.65
N ARG A 110 -16.12 -10.94 -0.79
CA ARG A 110 -16.64 -12.30 -0.75
C ARG A 110 -16.95 -12.75 0.67
N ASN A 111 -16.21 -12.23 1.64
CA ASN A 111 -16.31 -12.68 3.02
C ASN A 111 -16.32 -11.50 4.00
N PRO A 112 -17.38 -10.69 3.97
CA PRO A 112 -17.41 -9.48 4.79
C PRO A 112 -17.43 -9.76 6.30
N SER A 113 -17.83 -10.96 6.70
CA SER A 113 -17.96 -11.29 8.11
C SER A 113 -16.65 -11.77 8.74
N SER A 114 -15.62 -12.00 7.91
CA SER A 114 -14.37 -12.58 8.40
C SER A 114 -13.41 -11.53 8.94
N SER A 115 -13.13 -11.62 10.24
CA SER A 115 -12.18 -10.74 10.89
C SER A 115 -10.78 -10.86 10.28
N ASP A 116 -10.35 -12.08 9.98
CA ASP A 116 -9.01 -12.30 9.43
C ASP A 116 -8.84 -11.64 8.06
N VAL A 117 -9.80 -11.86 7.18
CA VAL A 117 -9.73 -11.31 5.82
C VAL A 117 -9.73 -9.80 5.90
N ASN A 118 -10.52 -9.27 6.82
CA ASN A 118 -10.55 -7.84 7.10
C ASN A 118 -9.18 -7.32 7.55
N GLU A 119 -8.58 -8.03 8.50
CA GLU A 119 -7.26 -7.65 9.02
C GLU A 119 -6.19 -7.68 7.94
N ALA A 120 -6.24 -8.67 7.07
CA ALA A 120 -5.27 -8.80 5.99
C ALA A 120 -5.33 -7.58 5.07
N LEU A 121 -6.52 -7.17 4.67
CA LEU A 121 -6.63 -6.02 3.77
C LEU A 121 -6.14 -4.78 4.50
N LYS A 122 -6.52 -4.62 5.76
CA LYS A 122 -6.11 -3.48 6.57
C LYS A 122 -4.59 -3.32 6.58
N LEU A 123 -3.90 -4.41 6.89
CA LEU A 123 -2.45 -4.38 6.97
C LEU A 123 -1.81 -4.16 5.60
N ILE A 124 -2.38 -4.78 4.58
CA ILE A 124 -1.90 -4.58 3.22
C ILE A 124 -2.07 -3.14 2.76
N VAL A 125 -3.17 -2.50 3.11
CA VAL A 125 -3.34 -1.08 2.81
C VAL A 125 -2.25 -0.26 3.48
N GLU A 126 -1.96 -0.54 4.76
CA GLU A 126 -0.92 0.18 5.48
C GLU A 126 0.45 -0.03 4.82
N ALA A 127 0.69 -1.23 4.31
CA ALA A 127 1.94 -1.53 3.63
C ALA A 127 2.04 -0.76 2.32
N ILE A 128 0.95 -0.69 1.58
CA ILE A 128 0.93 0.06 0.33
C ILE A 128 1.26 1.52 0.62
N GLU A 129 0.62 2.10 1.63
CA GLU A 129 0.81 3.50 1.93
C GLU A 129 2.25 3.78 2.36
N ALA A 130 2.81 2.88 3.15
CA ALA A 130 4.19 3.06 3.62
C ALA A 130 5.16 2.93 2.45
N ALA A 131 4.91 1.95 1.58
CA ALA A 131 5.74 1.74 0.41
C ALA A 131 5.75 2.96 -0.50
N VAL A 132 4.58 3.53 -0.76
CA VAL A 132 4.49 4.72 -1.59
C VAL A 132 5.27 5.86 -0.95
N ARG A 133 5.16 6.04 0.36
CA ARG A 133 5.92 7.10 1.02
C ARG A 133 7.43 6.86 0.91
N ALA A 134 7.87 5.62 1.00
CA ALA A 134 9.29 5.33 0.87
C ALA A 134 9.77 5.63 -0.55
N LEU A 135 9.00 5.24 -1.55
CA LEU A 135 9.40 5.48 -2.94
C LEU A 135 9.46 6.96 -3.24
N GLU A 136 8.47 7.71 -2.76
CA GLU A 136 8.46 9.17 -2.94
C GLU A 136 9.64 9.84 -2.25
N ALA A 137 9.92 9.45 -1.01
CA ALA A 137 11.04 10.02 -0.28
C ALA A 137 12.36 9.73 -0.99
N ALA A 138 12.51 8.50 -1.47
CA ALA A 138 13.75 8.12 -2.15
C ALA A 138 13.92 8.92 -3.43
N GLU A 139 12.81 9.09 -4.16
N GLU A 139 12.82 9.12 -4.15
CA GLU A 139 12.79 9.89 -5.39
CA GLU A 139 12.86 9.86 -5.42
C GLU A 139 13.37 11.27 -5.16
C GLU A 139 13.33 11.30 -5.20
N ARG A 140 12.91 11.90 -4.09
CA ARG A 140 13.26 13.28 -3.79
C ARG A 140 14.77 13.48 -3.60
N THR A 141 15.49 12.43 -3.21
CA THR A 141 16.94 12.54 -3.03
C THR A 141 17.67 12.71 -4.37
N GLY A 142 17.08 12.19 -5.43
CA GLY A 142 17.74 12.24 -6.74
C GLY A 142 18.96 11.33 -6.80
N ASP A 143 19.11 10.48 -5.79
N ASP A 143 19.08 10.46 -5.81
CA ASP A 143 20.28 9.62 -5.67
CA ASP A 143 20.24 9.60 -5.65
C ASP A 143 19.98 8.20 -6.15
C ASP A 143 19.95 8.19 -6.17
N PRO A 144 20.69 7.74 -7.20
CA PRO A 144 20.46 6.40 -7.75
C PRO A 144 20.48 5.27 -6.72
N GLU A 145 21.37 5.34 -5.72
CA GLU A 145 21.52 4.23 -4.78
C GLU A 145 20.39 4.19 -3.77
N VAL A 146 19.98 5.35 -3.25
CA VAL A 146 18.85 5.38 -2.32
C VAL A 146 17.60 4.88 -3.02
N ARG A 147 17.43 5.28 -4.28
CA ARG A 147 16.26 4.87 -5.05
C ARG A 147 16.23 3.36 -5.26
N GLU A 148 17.40 2.78 -5.54
CA GLU A 148 17.46 1.35 -5.79
C GLU A 148 17.17 0.58 -4.50
N LEU A 149 17.72 1.04 -3.38
CA LEU A 149 17.45 0.43 -2.09
C LEU A 149 15.97 0.50 -1.71
N ALA A 150 15.32 1.64 -1.99
CA ALA A 150 13.90 1.76 -1.71
C ALA A 150 13.10 0.75 -2.51
N ARG A 151 13.47 0.53 -3.77
CA ARG A 151 12.80 -0.46 -4.58
C ARG A 151 13.00 -1.89 -4.01
N GLU A 152 14.22 -2.20 -3.57
CA GLU A 152 14.49 -3.49 -2.91
C GLU A 152 13.58 -3.66 -1.71
N LEU A 153 13.44 -2.59 -0.94
CA LEU A 153 12.64 -2.62 0.27
C LEU A 153 11.17 -2.86 -0.02
N VAL A 154 10.66 -2.18 -1.04
CA VAL A 154 9.27 -2.34 -1.40
C VAL A 154 9.01 -3.73 -1.98
N ARG A 155 9.97 -4.31 -2.70
CA ARG A 155 9.77 -5.67 -3.21
C ARG A 155 9.62 -6.68 -2.08
N LEU A 156 10.35 -6.48 -0.99
CA LEU A 156 10.23 -7.39 0.15
C LEU A 156 8.85 -7.25 0.79
N ALA A 157 8.33 -6.03 0.86
CA ALA A 157 7.00 -5.78 1.38
C ALA A 157 5.94 -6.43 0.50
N VAL A 158 6.12 -6.34 -0.82
CA VAL A 158 5.22 -6.97 -1.77
C VAL A 158 5.17 -8.48 -1.56
N GLU A 159 6.34 -9.09 -1.43
N GLU A 159 6.31 -9.11 -1.38
CA GLU A 159 6.47 -10.51 -1.15
CA GLU A 159 6.35 -10.56 -1.20
C GLU A 159 5.67 -10.87 0.10
C GLU A 159 5.72 -10.95 0.14
N ALA A 160 5.94 -10.13 1.18
CA ALA A 160 5.31 -10.40 2.46
C ALA A 160 3.80 -10.13 2.40
N ALA A 161 3.39 -9.10 1.64
CA ALA A 161 1.96 -8.81 1.51
C ALA A 161 1.24 -9.93 0.77
N GLU A 162 1.87 -10.50 -0.26
CA GLU A 162 1.26 -11.63 -0.95
C GLU A 162 1.03 -12.80 -0.01
N GLU A 163 1.96 -13.05 0.90
CA GLU A 163 1.81 -14.16 1.86
C GLU A 163 0.60 -13.91 2.76
N VAL A 164 0.44 -12.65 3.18
CA VAL A 164 -0.71 -12.28 4.01
C VAL A 164 -2.00 -12.45 3.21
N GLN A 165 -2.01 -11.95 1.98
CA GLN A 165 -3.17 -12.05 1.11
C GLN A 165 -3.61 -13.50 0.94
N ARG A 166 -2.64 -14.41 0.84
CA ARG A 166 -2.95 -15.82 0.60
C ARG A 166 -3.23 -16.61 1.88
N ASN A 167 -2.71 -16.10 3.00
N ASN A 167 -2.70 -16.15 3.01
CA ASN A 167 -2.85 -16.76 4.31
CA ASN A 167 -2.97 -16.84 4.28
C ASN A 167 -3.31 -15.79 5.40
C ASN A 167 -3.34 -15.84 5.38
N PRO A 168 -4.54 -15.26 5.27
CA PRO A 168 -5.00 -14.20 6.18
C PRO A 168 -5.08 -14.64 7.65
N SER A 169 -5.30 -15.92 7.88
CA SER A 169 -5.49 -16.43 9.24
C SER A 169 -4.18 -16.76 9.95
N SER A 170 -3.05 -16.63 9.26
CA SER A 170 -1.76 -16.95 9.87
C SER A 170 -1.20 -15.73 10.59
N GLU A 171 -1.05 -15.86 11.91
CA GLU A 171 -0.55 -14.77 12.73
C GLU A 171 0.93 -14.50 12.45
N GLU A 172 1.67 -15.55 12.11
CA GLU A 172 3.09 -15.44 11.83
C GLU A 172 3.35 -14.59 10.59
N VAL A 173 2.55 -14.82 9.55
CA VAL A 173 2.70 -14.10 8.30
C VAL A 173 2.26 -12.65 8.49
N ASN A 174 1.24 -12.45 9.31
CA ASN A 174 0.77 -11.12 9.64
C ASN A 174 1.85 -10.32 10.38
N GLU A 175 2.47 -10.93 11.39
CA GLU A 175 3.51 -10.27 12.16
C GLU A 175 4.74 -9.95 11.31
N ALA A 176 5.08 -10.83 10.37
CA ALA A 176 6.20 -10.57 9.48
C ALA A 176 5.99 -9.28 8.68
N LEU A 177 4.82 -9.14 8.09
CA LEU A 177 4.54 -7.95 7.29
C LEU A 177 4.51 -6.69 8.16
N LYS A 178 3.99 -6.81 9.37
CA LYS A 178 4.03 -5.69 10.30
C LYS A 178 5.44 -5.22 10.59
N LYS A 179 6.36 -6.16 10.79
CA LYS A 179 7.75 -5.82 11.05
C LYS A 179 8.39 -5.13 9.86
N ILE A 180 8.04 -5.59 8.67
CA ILE A 180 8.59 -4.99 7.46
C ILE A 180 8.00 -3.58 7.27
N VAL A 181 6.71 -3.44 7.53
CA VAL A 181 6.09 -2.11 7.44
C VAL A 181 6.74 -1.14 8.44
N LYS A 182 7.08 -1.64 9.61
CA LYS A 182 7.74 -0.82 10.63
C LYS A 182 9.12 -0.37 10.14
N ALA A 183 9.83 -1.27 9.48
CA ALA A 183 11.16 -0.96 8.95
C ALA A 183 11.05 0.09 7.84
N ILE A 184 10.02 -0.02 7.00
CA ILE A 184 9.80 0.98 5.97
C ILE A 184 9.52 2.36 6.58
N GLN A 185 8.65 2.38 7.59
CA GLN A 185 8.30 3.64 8.25
C GLN A 185 9.54 4.28 8.86
N GLU A 186 10.45 3.45 9.39
CA GLU A 186 11.69 3.98 9.97
C GLU A 186 12.61 4.56 8.88
N ALA A 187 12.71 3.88 7.75
CA ALA A 187 13.43 4.39 6.59
C ALA A 187 12.87 5.74 6.13
N VAL A 188 11.55 5.85 6.04
CA VAL A 188 10.91 7.10 5.61
C VAL A 188 11.27 8.24 6.55
N GLU A 189 11.22 7.96 7.84
CA GLU A 189 11.53 8.98 8.83
C GLU A 189 12.99 9.41 8.77
N SER A 190 13.89 8.46 8.53
CA SER A 190 15.30 8.79 8.36
C SER A 190 15.53 9.67 7.12
N LEU A 191 14.85 9.36 6.02
CA LEU A 191 15.00 10.15 4.80
C LEU A 191 14.47 11.57 4.99
N ARG A 192 13.39 11.71 5.75
N ARG A 192 13.38 11.70 5.73
CA ARG A 192 12.82 13.03 6.01
CA ARG A 192 12.81 13.01 6.03
C ARG A 192 13.79 13.88 6.83
C ARG A 192 13.82 13.85 6.80
N GLU A 193 14.46 13.25 7.79
CA GLU A 193 15.45 13.94 8.61
C GLU A 193 16.62 14.43 7.77
N ALA A 194 17.13 13.54 6.90
CA ALA A 194 18.23 13.90 6.01
C ALA A 194 17.81 14.97 5.01
N GLU A 195 16.58 14.86 4.52
CA GLU A 195 16.05 15.82 3.56
C GLU A 195 15.96 17.23 4.15
N GLU A 196 15.62 17.33 5.43
CA GLU A 196 15.43 18.64 6.06
C GLU A 196 16.74 19.20 6.58
N SER A 197 17.81 18.42 6.41
CA SER A 197 19.14 18.83 6.82
C SER A 197 19.93 19.34 5.61
N GLY A 198 20.96 20.13 5.87
CA GLY A 198 21.84 20.62 4.83
C GLY A 198 23.21 19.98 4.92
N ASP A 199 23.30 18.88 5.66
N ASP A 199 23.31 18.88 5.68
CA ASP A 199 24.57 18.21 5.92
CA ASP A 199 24.58 18.20 5.86
C ASP A 199 24.78 17.06 4.94
C ASP A 199 24.79 17.15 4.78
N PRO A 200 25.86 17.13 4.14
N PRO A 200 25.99 17.12 4.17
CA PRO A 200 26.15 16.01 3.23
CA PRO A 200 26.25 16.03 3.21
C PRO A 200 26.35 14.68 3.97
C PRO A 200 26.47 14.69 3.91
N GLU A 201 26.89 14.75 5.17
CA GLU A 201 27.11 13.53 5.96
C GLU A 201 25.79 12.86 6.33
N LYS A 202 24.74 13.66 6.46
CA LYS A 202 23.41 13.13 6.77
C LYS A 202 22.82 12.40 5.57
N ARG A 203 23.30 12.75 4.37
N ARG A 203 23.28 12.79 4.37
CA ARG A 203 22.81 12.12 3.14
CA ARG A 203 22.84 12.13 3.14
C ARG A 203 23.44 10.74 2.92
C ARG A 203 23.40 10.73 3.05
N GLU A 204 24.72 10.60 3.25
CA GLU A 204 25.37 9.31 3.22
C GLU A 204 24.78 8.43 4.33
N LYS A 205 24.43 9.06 5.44
CA LYS A 205 23.76 8.36 6.53
C LYS A 205 22.44 7.78 6.05
N ALA A 206 21.76 8.51 5.17
N ALA A 206 21.69 8.56 5.28
CA ALA A 206 20.49 8.08 4.61
CA ALA A 206 20.38 8.14 4.82
C ALA A 206 20.60 6.79 3.82
C ALA A 206 20.52 6.92 3.92
N ARG A 207 21.53 6.72 2.87
N ARG A 207 21.55 6.94 3.09
CA ARG A 207 21.80 5.49 2.12
CA ARG A 207 21.88 5.83 2.21
C ARG A 207 21.88 4.30 3.06
C ARG A 207 22.07 4.55 3.02
N GLU A 208 22.72 4.45 4.08
N GLU A 208 22.71 4.66 4.17
CA GLU A 208 22.95 3.39 5.05
CA GLU A 208 22.97 3.51 5.04
C GLU A 208 21.70 3.08 5.87
C GLU A 208 21.72 3.12 5.82
N ARG A 209 20.91 4.11 6.17
CA ARG A 209 19.68 3.87 6.92
C ARG A 209 18.68 3.06 6.08
N VAL A 210 18.59 3.38 4.79
CA VAL A 210 17.70 2.63 3.92
C VAL A 210 18.29 1.23 3.75
N ARG A 211 19.61 1.13 3.67
CA ARG A 211 20.25 -0.18 3.54
C ARG A 211 19.92 -1.05 4.76
N GLU A 212 19.94 -0.45 5.96
CA GLU A 212 19.64 -1.19 7.17
C GLU A 212 18.17 -1.64 7.21
N ALA A 213 17.28 -0.82 6.66
CA ALA A 213 15.89 -1.22 6.56
C ALA A 213 15.74 -2.41 5.62
N VAL A 214 16.49 -2.41 4.52
CA VAL A 214 16.45 -3.53 3.59
C VAL A 214 16.97 -4.79 4.28
N GLU A 215 18.08 -4.69 5.00
CA GLU A 215 18.63 -5.84 5.69
C GLU A 215 17.69 -6.37 6.77
N ARG A 216 17.00 -5.47 7.47
CA ARG A 216 15.98 -5.87 8.44
C ARG A 216 14.86 -6.64 7.76
N ALA A 217 14.33 -6.12 6.66
CA ALA A 217 13.24 -6.79 5.96
C ALA A 217 13.67 -8.15 5.42
N GLU A 218 14.92 -8.26 4.96
CA GLU A 218 15.44 -9.54 4.50
C GLU A 218 15.53 -10.55 5.65
N GLU A 219 15.94 -10.08 6.82
CA GLU A 219 16.03 -10.95 8.00
C GLU A 219 14.67 -11.48 8.41
N VAL A 220 13.69 -10.59 8.39
CA VAL A 220 12.32 -10.94 8.73
C VAL A 220 11.78 -12.02 7.81
N GLN A 221 12.05 -11.91 6.51
CA GLN A 221 11.51 -12.91 5.59
C GLN A 221 12.19 -14.26 5.76
N ARG A 222 13.41 -14.25 6.28
CA ARG A 222 14.12 -15.50 6.57
C ARG A 222 13.68 -16.11 7.90
N ASP A 223 13.28 -15.25 8.83
CA ASP A 223 12.85 -15.67 10.17
C ASP A 223 11.56 -14.95 10.55
N PRO A 224 10.45 -15.29 9.88
CA PRO A 224 9.25 -14.44 10.02
C PRO A 224 8.66 -14.46 11.42
N SER A 225 8.87 -15.53 12.18
CA SER A 225 8.34 -15.62 13.55
C SER A 225 9.25 -14.97 14.58
N GLY A 226 10.40 -14.47 14.13
CA GLY A 226 11.39 -13.91 15.04
C GLY A 226 11.89 -14.92 16.06
N TRP A 227 11.94 -16.19 15.68
CA TRP A 227 12.48 -17.24 16.52
C TRP A 227 13.85 -16.86 17.08
N LEU A 228 14.61 -16.09 16.31
CA LEU A 228 15.99 -15.75 16.67
C LEU A 228 16.12 -14.35 17.29
N GLU A 229 15.00 -13.73 17.63
CA GLU A 229 14.99 -12.34 18.09
C GLU A 229 14.55 -12.20 19.55
#